data_6HKB
#
_entry.id   6HKB
#
_cell.length_a   82.234
_cell.length_b   112.394
_cell.length_c   62.439
_cell.angle_alpha   90.000
_cell.angle_beta   90.000
_cell.angle_gamma   90.000
#
_symmetry.space_group_name_H-M   'C 2 2 21'
#
loop_
_entity.id
_entity.type
_entity.pdbx_description
1 polymer '14-3-3 protein sigma'
2 polymer 'Estrogen receptor'
3 non-polymer 'MAGNESIUM ION'
4 non-polymer (1~{R},2~{S})-2-[methyl-[(~{R})-(2-methylpropan-2-yl)oxy-oxidanyl-methyl]amino]-2-phenyl-1-(2-sulfanylethylamino)ethanol
5 water water
#
loop_
_entity_poly.entity_id
_entity_poly.type
_entity_poly.pdbx_seq_one_letter_code
_entity_poly.pdbx_strand_id
1 'polypeptide(L)'
;GAMGSMERASLIQKAKLAEQAERYEDMAAFMKGAVEKGEELSNEERCLLSVAYKNVVGGQRAAWRVLSSIEQKSNEEGSE
EKGPEVREYREKVETELQGVCDTVLGLLDSHLIKEAGDAESRVFYLKMKGDYYRYLAEVATGDDKKRIIDSARSAYQEAM
DISKKEMPPTNPIRLGLALNFSVFHYEIANSPEEAISLAKTTFDEAMADLHTLSEDSYKDSTLIMQLLRDNLTLWT
;
A
2 'polypeptide(L)' AEGFPA(TPO)V B
#
loop_
_chem_comp.id
_chem_comp.type
_chem_comp.name
_chem_comp.formula
G8Q non-polymer (1~{R},2~{S})-2-[methyl-[(~{R})-(2-methylpropan-2-yl)oxy-oxidanyl-methyl]amino]-2-phenyl-1-(2-sulfanylethylamino)ethanol 'C16 H28 N2 O3 S'
MG non-polymer 'MAGNESIUM ION' 'Mg 2'
#
# COMPACT_ATOMS: atom_id res chain seq x y z
N GLY A 1 13.46 -16.79 -13.42
CA GLY A 1 13.30 -15.36 -13.28
C GLY A 1 14.37 -14.63 -14.05
N ALA A 2 14.00 -13.56 -14.75
CA ALA A 2 14.93 -12.86 -15.61
C ALA A 2 16.05 -12.17 -14.84
N MET A 3 15.89 -11.98 -13.52
CA MET A 3 16.95 -11.41 -12.69
C MET A 3 17.76 -12.47 -11.98
N GLY A 4 17.52 -13.75 -12.26
CA GLY A 4 18.20 -14.81 -11.55
C GLY A 4 19.71 -14.81 -11.71
N SER A 5 20.20 -14.25 -12.82
CA SER A 5 21.64 -14.24 -13.05
C SER A 5 22.35 -13.00 -12.50
N MET A 6 21.61 -12.02 -11.97
CA MET A 6 22.24 -10.80 -11.48
C MET A 6 22.48 -10.89 -9.98
N GLU A 7 23.64 -10.40 -9.53
CA GLU A 7 23.94 -10.36 -8.10
C GLU A 7 22.89 -9.60 -7.32
N ARG A 8 22.60 -10.09 -6.10
CA ARG A 8 21.69 -9.37 -5.22
C ARG A 8 22.11 -7.91 -5.04
N ALA A 9 23.39 -7.68 -4.77
CA ALA A 9 23.85 -6.32 -4.53
C ALA A 9 23.69 -5.46 -5.77
N SER A 10 23.92 -6.04 -6.95
CA SER A 10 23.73 -5.29 -8.20
C SER A 10 22.27 -4.96 -8.43
N LEU A 11 21.36 -5.87 -8.05
CA LEU A 11 19.93 -5.58 -8.18
C LEU A 11 19.52 -4.43 -7.27
N ILE A 12 20.05 -4.40 -6.04
CA ILE A 12 19.76 -3.30 -5.14
C ILE A 12 20.34 -2.00 -5.66
N GLN A 13 21.59 -2.05 -6.15
CA GLN A 13 22.21 -0.86 -6.74
C GLN A 13 21.37 -0.31 -7.88
N LYS A 14 20.92 -1.19 -8.77
CA LYS A 14 20.14 -0.73 -9.92
C LYS A 14 18.74 -0.28 -9.53
N ALA A 15 18.15 -0.86 -8.48
CA ALA A 15 16.88 -0.34 -7.99
C ALA A 15 17.03 1.12 -7.58
N LYS A 16 18.13 1.47 -6.90
CA LYS A 16 18.36 2.84 -6.49
C LYS A 16 18.58 3.75 -7.69
N LEU A 17 19.29 3.25 -8.72
CA LEU A 17 19.47 4.02 -9.95
C LEU A 17 18.13 4.24 -10.65
N ALA A 18 17.32 3.18 -10.74
CA ALA A 18 15.99 3.30 -11.34
C ALA A 18 15.14 4.31 -10.60
N GLU A 19 15.21 4.32 -9.27
CA GLU A 19 14.47 5.32 -8.51
C GLU A 19 14.92 6.74 -8.89
N GLN A 20 16.23 6.95 -9.03
CA GLN A 20 16.72 8.28 -9.39
C GLN A 20 16.23 8.70 -10.76
N ALA A 21 16.11 7.74 -11.67
CA ALA A 21 15.65 7.99 -13.03
C ALA A 21 14.13 7.94 -13.14
N GLU A 22 13.43 7.76 -12.03
CA GLU A 22 11.97 7.63 -12.00
C GLU A 22 11.48 6.52 -12.92
N ARG A 23 12.21 5.40 -12.94
CA ARG A 23 11.86 4.24 -13.75
C ARG A 23 11.33 3.16 -12.79
N TYR A 24 10.09 3.34 -12.37
CA TYR A 24 9.58 2.55 -11.25
C TYR A 24 9.27 1.11 -11.65
N GLU A 25 8.88 0.87 -12.92
CA GLU A 25 8.71 -0.51 -13.37
C GLU A 25 10.02 -1.27 -13.29
N ASP A 26 11.11 -0.67 -13.79
CA ASP A 26 12.43 -1.26 -13.61
C ASP A 26 12.76 -1.45 -12.15
N MET A 27 12.51 -0.42 -11.34
CA MET A 27 12.81 -0.51 -9.92
C MET A 27 12.12 -1.71 -9.29
N ALA A 28 10.86 -1.92 -9.66
CA ALA A 28 10.09 -3.02 -9.07
C ALA A 28 10.63 -4.36 -9.55
N ALA A 29 10.99 -4.45 -10.83
CA ALA A 29 11.54 -5.72 -11.33
C ALA A 29 12.86 -6.05 -10.66
N PHE A 30 13.71 -5.03 -10.42
CA PHE A 30 14.96 -5.26 -9.72
C PHE A 30 14.72 -5.72 -8.29
N MET A 31 13.78 -5.07 -7.59
CA MET A 31 13.52 -5.48 -6.22
C MET A 31 12.86 -6.84 -6.14
N LYS A 32 12.00 -7.17 -7.10
CA LYS A 32 11.46 -8.54 -7.18
C LYS A 32 12.60 -9.55 -7.30
N GLY A 33 13.56 -9.28 -8.20
CA GLY A 33 14.72 -10.15 -8.30
C GLY A 33 15.48 -10.26 -7.00
N ALA A 34 15.63 -9.14 -6.29
CA ALA A 34 16.34 -9.16 -5.00
C ALA A 34 15.61 -10.01 -3.97
N VAL A 35 14.29 -9.84 -3.87
CA VAL A 35 13.53 -10.67 -2.94
C VAL A 35 13.70 -12.14 -3.28
N GLU A 36 13.66 -12.47 -4.58
CA GLU A 36 13.72 -13.88 -4.95
C GLU A 36 15.08 -14.50 -4.73
N LYS A 37 16.10 -13.73 -4.33
CA LYS A 37 17.34 -14.35 -3.88
C LYS A 37 17.16 -15.12 -2.58
N GLY A 38 16.08 -14.87 -1.84
CA GLY A 38 15.74 -15.69 -0.71
C GLY A 38 16.24 -15.19 0.62
N GLU A 39 17.10 -14.18 0.64
CA GLU A 39 17.54 -13.59 1.89
C GLU A 39 16.53 -12.56 2.39
N GLU A 40 16.51 -12.35 3.70
CA GLU A 40 15.66 -11.32 4.27
C GLU A 40 16.10 -9.94 3.77
N LEU A 41 15.19 -8.97 3.86
CA LEU A 41 15.45 -7.61 3.44
C LEU A 41 15.80 -6.74 4.64
N SER A 42 16.72 -5.81 4.43
CA SER A 42 17.01 -4.80 5.43
C SER A 42 15.92 -3.73 5.44
N ASN A 43 16.00 -2.80 6.42
CA ASN A 43 15.05 -1.70 6.47
C ASN A 43 15.04 -0.92 5.16
N GLU A 44 16.24 -0.55 4.70
CA GLU A 44 16.35 0.23 3.47
C GLU A 44 15.82 -0.55 2.27
N GLU A 45 16.09 -1.85 2.23
CA GLU A 45 15.64 -2.66 1.09
C GLU A 45 14.13 -2.83 1.10
N ARG A 46 13.52 -2.95 2.28
CA ARG A 46 12.07 -2.98 2.36
C ARG A 46 11.48 -1.71 1.82
N CYS A 47 12.11 -0.57 2.13
CA CYS A 47 11.66 0.70 1.58
C CYS A 47 11.74 0.71 0.06
N LEU A 48 12.84 0.22 -0.51
CA LEU A 48 12.97 0.21 -1.97
C LEU A 48 11.88 -0.63 -2.59
N LEU A 49 11.58 -1.79 -1.99
CA LEU A 49 10.51 -2.64 -2.51
C LEU A 49 9.17 -1.91 -2.48
N SER A 50 8.83 -1.31 -1.34
CA SER A 50 7.53 -0.67 -1.22
C SER A 50 7.42 0.56 -2.13
N VAL A 51 8.48 1.35 -2.22
CA VAL A 51 8.44 2.55 -3.06
C VAL A 51 8.20 2.15 -4.52
N ALA A 52 8.91 1.13 -4.99
CA ALA A 52 8.80 0.72 -6.38
C ALA A 52 7.38 0.31 -6.74
N TYR A 53 6.83 -0.64 -5.98
CA TYR A 53 5.50 -1.12 -6.32
C TYR A 53 4.42 -0.10 -6.01
N LYS A 54 4.63 0.77 -5.00
CA LYS A 54 3.63 1.81 -4.73
C LYS A 54 3.48 2.74 -5.93
N ASN A 55 4.59 3.10 -6.56
CA ASN A 55 4.54 3.97 -7.73
C ASN A 55 3.94 3.25 -8.91
N VAL A 56 4.29 1.97 -9.11
CA VAL A 56 3.75 1.24 -10.26
C VAL A 56 2.24 1.10 -10.13
N VAL A 57 1.77 0.57 -9.00
CA VAL A 57 0.34 0.36 -8.84
C VAL A 57 -0.39 1.68 -8.68
N GLY A 58 0.27 2.71 -8.14
CA GLY A 58 -0.37 4.00 -8.04
C GLY A 58 -0.72 4.56 -9.41
N GLY A 59 0.20 4.42 -10.37
CA GLY A 59 -0.10 4.84 -11.73
C GLY A 59 -1.23 4.02 -12.35
N GLN A 60 -1.26 2.72 -12.09
CA GLN A 60 -2.31 1.87 -12.62
C GLN A 60 -3.66 2.27 -12.03
N ARG A 61 -3.70 2.55 -10.73
CA ARG A 61 -4.95 2.93 -10.10
C ARG A 61 -5.46 4.25 -10.65
N ALA A 62 -4.56 5.22 -10.84
CA ALA A 62 -4.96 6.50 -11.40
C ALA A 62 -5.56 6.31 -12.79
N ALA A 63 -4.93 5.46 -13.60
CA ALA A 63 -5.44 5.19 -14.95
C ALA A 63 -6.77 4.46 -14.89
N TRP A 64 -6.88 3.45 -14.03
CA TRP A 64 -8.14 2.72 -13.89
C TRP A 64 -9.27 3.66 -13.49
N ARG A 65 -8.99 4.64 -12.61
CA ARG A 65 -10.06 5.55 -12.20
C ARG A 65 -10.51 6.43 -13.36
N VAL A 66 -9.57 6.89 -14.19
CA VAL A 66 -9.93 7.67 -15.36
C VAL A 66 -10.85 6.85 -16.27
N LEU A 67 -10.47 5.60 -16.56
CA LEU A 67 -11.24 4.77 -17.48
C LEU A 67 -12.58 4.37 -16.89
N SER A 68 -12.60 4.02 -15.59
CA SER A 68 -13.87 3.66 -14.96
C SER A 68 -14.84 4.84 -14.98
N SER A 69 -14.33 6.05 -14.81
CA SER A 69 -15.19 7.23 -14.88
C SER A 69 -15.76 7.42 -16.27
N ILE A 70 -14.93 7.27 -17.31
CA ILE A 70 -15.44 7.34 -18.69
C ILE A 70 -16.47 6.24 -18.92
N GLU A 71 -16.19 5.03 -18.43
CA GLU A 71 -17.12 3.93 -18.61
C GLU A 71 -18.46 4.22 -17.96
N GLN A 72 -18.44 4.81 -16.75
CA GLN A 72 -19.68 5.10 -16.06
C GLN A 72 -20.52 6.13 -16.81
N LYS A 73 -19.86 7.17 -17.34
CA LYS A 73 -20.59 8.16 -18.12
C LYS A 73 -21.20 7.54 -19.38
N SER A 74 -20.48 6.59 -20.00
CA SER A 74 -21.00 5.94 -21.20
C SER A 74 -22.26 5.15 -20.91
N ASN A 75 -22.46 4.73 -19.67
CA ASN A 75 -23.62 3.92 -19.29
C ASN A 75 -24.74 4.76 -18.69
N GLU A 76 -24.65 6.09 -18.76
CA GLU A 76 -25.70 6.97 -18.25
C GLU A 76 -26.79 7.16 -19.30
N GLU A 77 -27.89 7.77 -18.87
CA GLU A 77 -29.03 8.00 -19.76
C GLU A 77 -28.68 9.01 -20.84
N GLY A 78 -29.04 8.69 -22.09
CA GLY A 78 -28.82 9.58 -23.20
C GLY A 78 -27.44 9.53 -23.80
N SER A 79 -26.56 8.66 -23.31
CA SER A 79 -25.20 8.57 -23.84
C SER A 79 -25.18 7.69 -25.08
N GLU A 80 -24.41 8.10 -26.07
CA GLU A 80 -24.33 7.34 -27.31
C GLU A 80 -23.57 6.05 -27.09
N GLU A 81 -24.07 4.98 -27.72
CA GLU A 81 -23.35 3.71 -27.71
C GLU A 81 -22.04 3.87 -28.47
N LYS A 82 -20.93 3.57 -27.81
CA LYS A 82 -19.63 3.68 -28.45
C LYS A 82 -18.97 2.33 -28.68
N GLY A 83 -19.63 1.23 -28.31
CA GLY A 83 -19.07 -0.09 -28.48
C GLY A 83 -18.40 -0.60 -27.23
N PRO A 84 -17.71 -1.74 -27.34
CA PRO A 84 -17.10 -2.38 -26.18
C PRO A 84 -15.74 -1.82 -25.78
N GLU A 85 -15.25 -0.81 -26.50
CA GLU A 85 -13.84 -0.42 -26.38
C GLU A 85 -13.50 0.10 -24.98
N VAL A 86 -14.37 0.91 -24.39
CA VAL A 86 -14.06 1.50 -23.09
C VAL A 86 -13.97 0.41 -22.02
N ARG A 87 -14.95 -0.49 -22.00
CA ARG A 87 -14.91 -1.60 -21.06
C ARG A 87 -13.68 -2.48 -21.32
N GLU A 88 -13.38 -2.78 -22.58
CA GLU A 88 -12.22 -3.62 -22.89
C GLU A 88 -10.95 -3.01 -22.34
N TYR A 89 -10.76 -1.70 -22.56
CA TYR A 89 -9.51 -1.10 -22.16
C TYR A 89 -9.45 -0.91 -20.64
N ARG A 90 -10.57 -0.59 -20.01
CA ARG A 90 -10.59 -0.59 -18.55
C ARG A 90 -10.27 -1.97 -18.00
N GLU A 91 -10.80 -3.03 -18.63
CA GLU A 91 -10.48 -4.39 -18.21
C GLU A 91 -9.00 -4.70 -18.41
N LYS A 92 -8.40 -4.17 -19.48
CA LYS A 92 -6.98 -4.43 -19.73
C LYS A 92 -6.14 -3.82 -18.62
N VAL A 93 -6.39 -2.56 -18.30
CA VAL A 93 -5.66 -1.91 -17.22
C VAL A 93 -5.93 -2.60 -15.89
N GLU A 94 -7.20 -2.97 -15.66
CA GLU A 94 -7.57 -3.67 -14.43
C GLU A 94 -6.83 -4.98 -14.28
N THR A 95 -6.71 -5.76 -15.36
CA THR A 95 -6.02 -7.04 -15.29
C THR A 95 -4.53 -6.85 -15.02
N GLU A 96 -3.93 -5.81 -15.60
CA GLU A 96 -2.52 -5.53 -15.36
C GLU A 96 -2.30 -5.11 -13.91
N LEU A 97 -3.22 -4.29 -13.37
CA LEU A 97 -3.16 -3.91 -11.95
C LEU A 97 -3.28 -5.13 -11.05
N GLN A 98 -4.25 -5.98 -11.31
CA GLN A 98 -4.41 -7.20 -10.52
C GLN A 98 -3.15 -8.05 -10.59
N GLY A 99 -2.52 -8.08 -11.77
CA GLY A 99 -1.29 -8.85 -11.90
C GLY A 99 -0.19 -8.34 -11.01
N VAL A 100 -0.02 -7.02 -10.93
CA VAL A 100 0.99 -6.44 -10.05
C VAL A 100 0.66 -6.76 -8.59
N CYS A 101 -0.61 -6.58 -8.20
CA CYS A 101 -0.98 -6.89 -6.83
C CYS A 101 -0.69 -8.34 -6.49
N ASP A 102 -1.05 -9.26 -7.40
CA ASP A 102 -0.78 -10.68 -7.17
C ASP A 102 0.70 -10.95 -7.04
N THR A 103 1.52 -10.26 -7.84
CA THR A 103 2.97 -10.40 -7.74
C THR A 103 3.48 -9.98 -6.37
N VAL A 104 3.04 -8.81 -5.90
CA VAL A 104 3.50 -8.32 -4.59
C VAL A 104 3.03 -9.28 -3.50
N LEU A 105 1.76 -9.65 -3.54
CA LEU A 105 1.26 -10.58 -2.53
C LEU A 105 2.00 -11.90 -2.57
N GLY A 106 2.38 -12.32 -3.77
CA GLY A 106 3.18 -13.54 -3.90
C GLY A 106 4.53 -13.43 -3.24
N LEU A 107 5.19 -12.27 -3.36
CA LEU A 107 6.47 -12.08 -2.70
C LEU A 107 6.32 -12.09 -1.18
N LEU A 108 5.24 -11.46 -0.69
CA LEU A 108 5.01 -11.46 0.74
C LEU A 108 4.74 -12.88 1.25
N ASP A 109 4.03 -13.68 0.46
CA ASP A 109 3.68 -15.02 0.89
C ASP A 109 4.81 -16.02 0.66
N SER A 110 5.75 -15.71 -0.24
CA SER A 110 6.83 -16.64 -0.61
C SER A 110 8.15 -15.86 -0.72
N HIS A 111 8.80 -15.55 0.40
CA HIS A 111 8.43 -15.99 1.75
C HIS A 111 8.74 -14.90 2.78
N LEU A 112 8.47 -13.65 2.41
CA LEU A 112 8.90 -12.51 3.23
C LEU A 112 8.24 -12.53 4.62
N ILE A 113 6.92 -12.72 4.67
CA ILE A 113 6.23 -12.61 5.95
C ILE A 113 6.66 -13.72 6.90
N LYS A 114 6.75 -14.96 6.42
CA LYS A 114 7.02 -16.06 7.34
C LYS A 114 8.42 -15.98 7.94
N GLU A 115 9.36 -15.29 7.30
CA GLU A 115 10.69 -15.13 7.87
C GLU A 115 10.85 -13.84 8.65
N ALA A 116 9.83 -12.99 8.72
CA ALA A 116 9.95 -11.68 9.36
C ALA A 116 9.54 -11.82 10.82
N GLY A 117 10.51 -11.73 11.72
CA GLY A 117 10.28 -11.89 13.15
C GLY A 117 10.29 -10.60 13.97
N ASP A 118 11.09 -9.63 13.56
CA ASP A 118 11.10 -8.36 14.25
C ASP A 118 9.84 -7.58 13.93
N ALA A 119 9.38 -6.79 14.90
CA ALA A 119 8.16 -6.01 14.71
C ALA A 119 8.25 -5.11 13.48
N GLU A 120 9.40 -4.45 13.29
CA GLU A 120 9.49 -3.46 12.21
C GLU A 120 9.41 -4.10 10.83
N SER A 121 9.88 -5.34 10.70
CA SER A 121 9.74 -6.00 9.40
C SER A 121 8.38 -6.65 9.25
N ARG A 122 7.90 -7.31 10.30
CA ARG A 122 6.62 -8.00 10.19
C ARG A 122 5.47 -7.03 10.00
N VAL A 123 5.44 -5.94 10.78
CA VAL A 123 4.37 -4.96 10.60
C VAL A 123 4.44 -4.35 9.21
N PHE A 124 5.67 -4.04 8.74
CA PHE A 124 5.84 -3.49 7.40
C PHE A 124 5.22 -4.40 6.34
N TYR A 125 5.55 -5.69 6.37
CA TYR A 125 5.04 -6.60 5.34
C TYR A 125 3.54 -6.81 5.48
N LEU A 126 3.02 -6.86 6.71
CA LEU A 126 1.58 -7.06 6.85
C LEU A 126 0.80 -5.83 6.38
N LYS A 127 1.34 -4.64 6.65
CA LYS A 127 0.73 -3.43 6.07
C LYS A 127 0.70 -3.53 4.54
N MET A 128 1.81 -3.96 3.94
CA MET A 128 1.84 -4.13 2.49
C MET A 128 0.78 -5.13 2.03
N LYS A 129 0.63 -6.24 2.75
CA LYS A 129 -0.39 -7.22 2.38
C LYS A 129 -1.77 -6.60 2.46
N GLY A 130 -2.05 -5.84 3.51
CA GLY A 130 -3.31 -5.13 3.58
C GLY A 130 -3.50 -4.15 2.43
N ASP A 131 -2.45 -3.39 2.10
CA ASP A 131 -2.54 -2.41 1.03
C ASP A 131 -2.87 -3.06 -0.31
N TYR A 132 -2.19 -4.17 -0.64
CA TYR A 132 -2.37 -4.72 -1.98
C TYR A 132 -3.68 -5.50 -2.09
N TYR A 133 -4.16 -6.09 -0.99
CA TYR A 133 -5.54 -6.57 -1.02
C TYR A 133 -6.52 -5.42 -1.12
N ARG A 134 -6.21 -4.27 -0.51
CA ARG A 134 -7.08 -3.11 -0.66
C ARG A 134 -7.16 -2.66 -2.11
N TYR A 135 -6.03 -2.68 -2.83
CA TYR A 135 -6.08 -2.29 -4.24
C TYR A 135 -6.88 -3.30 -5.06
N LEU A 136 -6.76 -4.59 -4.73
CA LEU A 136 -7.62 -5.57 -5.39
C LEU A 136 -9.08 -5.31 -5.07
N ALA A 137 -9.37 -4.91 -3.83
CA ALA A 137 -10.76 -4.64 -3.46
C ALA A 137 -11.33 -3.46 -4.20
N GLU A 138 -10.49 -2.46 -4.54
CA GLU A 138 -10.98 -1.27 -5.22
C GLU A 138 -11.59 -1.61 -6.57
N VAL A 139 -11.10 -2.67 -7.22
CA VAL A 139 -11.59 -3.05 -8.54
C VAL A 139 -12.44 -4.31 -8.51
N ALA A 140 -12.68 -4.88 -7.33
CA ALA A 140 -13.41 -6.14 -7.22
C ALA A 140 -14.90 -5.93 -7.38
N THR A 141 -15.55 -6.86 -8.13
CA THR A 141 -17.00 -6.87 -8.28
C THR A 141 -17.65 -8.25 -8.22
N GLY A 142 -16.89 -9.33 -8.05
CA GLY A 142 -17.38 -10.68 -8.23
C GLY A 142 -17.68 -11.42 -6.94
N ASP A 143 -17.72 -12.76 -7.05
CA ASP A 143 -18.08 -13.63 -5.92
C ASP A 143 -17.11 -13.50 -4.75
N ASP A 144 -15.85 -13.21 -5.02
CA ASP A 144 -14.82 -13.22 -4.00
C ASP A 144 -14.53 -11.84 -3.43
N LYS A 145 -15.34 -10.83 -3.77
CA LYS A 145 -15.07 -9.46 -3.32
C LYS A 145 -15.08 -9.36 -1.80
N LYS A 146 -16.05 -9.97 -1.14
CA LYS A 146 -16.06 -9.90 0.32
C LYS A 146 -14.84 -10.58 0.91
N ARG A 147 -14.38 -11.66 0.29
CA ARG A 147 -13.19 -12.34 0.80
C ARG A 147 -11.94 -11.51 0.55
N ILE A 148 -11.87 -10.76 -0.56
CA ILE A 148 -10.75 -9.86 -0.78
C ILE A 148 -10.71 -8.79 0.30
N ILE A 149 -11.88 -8.18 0.57
CA ILE A 149 -11.96 -7.17 1.61
C ILE A 149 -11.55 -7.74 2.96
N ASP A 150 -11.99 -8.97 3.27
CA ASP A 150 -11.62 -9.53 4.56
C ASP A 150 -10.14 -9.89 4.62
N SER A 151 -9.55 -10.25 3.49
CA SER A 151 -8.11 -10.48 3.46
C SER A 151 -7.34 -9.21 3.77
N ALA A 152 -7.77 -8.07 3.21
CA ALA A 152 -7.16 -6.80 3.56
C ALA A 152 -7.32 -6.51 5.05
N ARG A 153 -8.55 -6.64 5.55
CA ARG A 153 -8.82 -6.36 6.95
C ARG A 153 -7.98 -7.23 7.87
N SER A 154 -7.90 -8.53 7.56
CA SER A 154 -7.16 -9.45 8.42
C SER A 154 -5.68 -9.09 8.48
N ALA A 155 -5.09 -8.73 7.34
CA ALA A 155 -3.68 -8.37 7.34
C ALA A 155 -3.45 -7.09 8.12
N TYR A 156 -4.29 -6.08 7.87
CA TYR A 156 -4.19 -4.82 8.61
C TYR A 156 -4.34 -5.06 10.10
N GLN A 157 -5.28 -5.93 10.48
CA GLN A 157 -5.55 -6.14 11.90
C GLN A 157 -4.37 -6.80 12.60
N GLU A 158 -3.77 -7.83 11.97
CA GLU A 158 -2.59 -8.45 12.55
C GLU A 158 -1.46 -7.44 12.70
N ALA A 159 -1.27 -6.59 11.68
CA ALA A 159 -0.24 -5.56 11.77
C ALA A 159 -0.53 -4.58 12.90
N MET A 160 -1.80 -4.18 13.06
CA MET A 160 -2.16 -3.28 14.15
C MET A 160 -1.88 -3.92 15.50
N ASP A 161 -2.27 -5.19 15.67
CA ASP A 161 -2.08 -5.83 16.96
C ASP A 161 -0.61 -5.87 17.34
N ILE A 162 0.26 -6.23 16.39
CA ILE A 162 1.70 -6.26 16.67
C ILE A 162 2.21 -4.85 16.93
N SER A 163 1.80 -3.88 16.12
CA SER A 163 2.36 -2.54 16.24
C SER A 163 1.99 -1.92 17.58
N LYS A 164 0.80 -2.21 18.09
CA LYS A 164 0.41 -1.65 19.38
C LYS A 164 1.17 -2.27 20.53
N LYS A 165 1.55 -3.53 20.39
CA LYS A 165 2.27 -4.22 21.46
C LYS A 165 3.76 -3.90 21.42
N GLU A 166 4.34 -3.72 20.22
CA GLU A 166 5.78 -3.75 20.06
C GLU A 166 6.41 -2.45 19.60
N MET A 167 5.63 -1.43 19.25
CA MET A 167 6.18 -0.20 18.70
C MET A 167 5.64 0.99 19.47
N PRO A 168 6.42 2.06 19.61
CA PRO A 168 5.89 3.27 20.23
C PRO A 168 4.85 3.91 19.33
N PRO A 169 3.93 4.69 19.90
CA PRO A 169 2.86 5.28 19.09
C PRO A 169 3.34 6.28 18.07
N THR A 170 4.58 6.76 18.16
CA THR A 170 5.12 7.66 17.14
C THR A 170 5.90 6.94 16.06
N ASN A 171 6.05 5.62 16.13
CA ASN A 171 6.80 4.90 15.11
CA ASN A 171 6.80 4.90 15.11
C ASN A 171 6.20 5.16 13.73
N PRO A 172 7.00 5.59 12.74
CA PRO A 172 6.42 5.95 11.44
C PRO A 172 5.72 4.80 10.74
N ILE A 173 6.18 3.56 10.94
CA ILE A 173 5.50 2.43 10.31
C ILE A 173 4.16 2.21 10.97
N ARG A 174 4.12 2.28 12.30
CA ARG A 174 2.85 2.21 13.01
C ARG A 174 1.89 3.30 12.57
N LEU A 175 2.41 4.53 12.42
CA LEU A 175 1.56 5.64 12.01
C LEU A 175 1.03 5.44 10.60
N GLY A 176 1.90 5.04 9.67
CA GLY A 176 1.47 4.85 8.29
C GLY A 176 0.51 3.69 8.16
N LEU A 177 0.72 2.62 8.93
CA LEU A 177 -0.24 1.53 8.97
C LEU A 177 -1.62 2.02 9.39
N ALA A 178 -1.66 2.80 10.47
CA ALA A 178 -2.95 3.30 10.97
C ALA A 178 -3.60 4.25 9.97
N LEU A 179 -2.80 5.12 9.35
CA LEU A 179 -3.32 5.97 8.29
C LEU A 179 -4.03 5.16 7.21
N ASN A 180 -3.38 4.08 6.73
CA ASN A 180 -3.93 3.32 5.62
C ASN A 180 -5.11 2.44 6.04
N PHE A 181 -5.04 1.85 7.24
CA PHE A 181 -6.17 1.05 7.72
C PHE A 181 -7.38 1.94 7.93
N SER A 182 -7.16 3.19 8.37
CA SER A 182 -8.25 4.15 8.47
C SER A 182 -8.88 4.41 7.11
N VAL A 183 -8.05 4.60 6.08
CA VAL A 183 -8.59 4.78 4.73
C VAL A 183 -9.33 3.52 4.27
N PHE A 184 -8.81 2.33 4.61
CA PHE A 184 -9.54 1.11 4.31
C PHE A 184 -10.93 1.15 4.91
N HIS A 185 -11.05 1.56 6.17
CA HIS A 185 -12.38 1.65 6.78
C HIS A 185 -13.27 2.62 6.01
N TYR A 186 -12.72 3.77 5.62
CA TYR A 186 -13.54 4.82 5.01
C TYR A 186 -13.96 4.45 3.60
N GLU A 187 -13.01 3.97 2.79
CA GLU A 187 -13.26 3.82 1.36
C GLU A 187 -13.65 2.40 0.93
N ILE A 188 -13.28 1.38 1.70
CA ILE A 188 -13.48 -0.01 1.31
C ILE A 188 -14.57 -0.67 2.15
N ALA A 189 -14.53 -0.48 3.47
CA ALA A 189 -15.40 -1.20 4.38
C ALA A 189 -16.67 -0.43 4.73
N ASN A 190 -16.87 0.76 4.14
CA ASN A 190 -18.07 1.57 4.41
C ASN A 190 -18.23 1.83 5.89
N SER A 191 -17.11 2.09 6.58
CA SER A 191 -17.12 2.37 8.02
C SER A 191 -16.43 3.70 8.29
N PRO A 192 -17.04 4.82 7.87
CA PRO A 192 -16.41 6.12 8.11
C PRO A 192 -16.23 6.44 9.58
N GLU A 193 -17.12 5.99 10.46
CA GLU A 193 -16.91 6.29 11.88
C GLU A 193 -15.67 5.60 12.43
N GLU A 194 -15.46 4.33 12.05
CA GLU A 194 -14.24 3.64 12.47
C GLU A 194 -13.01 4.31 11.85
N ALA A 195 -13.14 4.80 10.62
CA ALA A 195 -12.01 5.47 9.98
C ALA A 195 -11.61 6.72 10.74
N ILE A 196 -12.61 7.51 11.16
CA ILE A 196 -12.35 8.75 11.89
C ILE A 196 -11.82 8.45 13.28
N SER A 197 -12.43 7.47 13.96
CA SER A 197 -11.98 7.12 15.30
C SER A 197 -10.53 6.67 15.30
N LEU A 198 -10.17 5.82 14.34
CA LEU A 198 -8.78 5.33 14.27
C LEU A 198 -7.80 6.47 14.00
N ALA A 199 -8.12 7.35 13.05
CA ALA A 199 -7.21 8.44 12.73
C ALA A 199 -7.03 9.38 13.93
N LYS A 200 -8.12 9.68 14.62
CA LYS A 200 -8.02 10.60 15.76
C LYS A 200 -7.26 9.97 16.92
N THR A 201 -7.56 8.72 17.27
CA THR A 201 -6.86 8.09 18.38
C THR A 201 -5.38 7.92 18.06
N THR A 202 -5.06 7.53 16.82
CA THR A 202 -3.67 7.41 16.41
C THR A 202 -2.95 8.74 16.52
N PHE A 203 -3.59 9.82 16.05
CA PHE A 203 -2.98 11.14 16.12
C PHE A 203 -2.73 11.54 17.58
N ASP A 204 -3.74 11.37 18.44
CA ASP A 204 -3.64 11.84 19.81
C ASP A 204 -2.60 11.05 20.58
N GLU A 205 -2.53 9.74 20.38
CA GLU A 205 -1.53 8.94 21.08
C GLU A 205 -0.13 9.25 20.61
N ALA A 206 0.04 9.60 19.33
CA ALA A 206 1.36 10.00 18.85
C ALA A 206 1.75 11.36 19.45
N MET A 207 0.80 12.31 19.44
CA MET A 207 1.05 13.63 20.03
C MET A 207 1.64 13.50 21.43
N ALA A 208 1.07 12.63 22.26
CA ALA A 208 1.48 12.48 23.64
C ALA A 208 2.87 11.85 23.80
N ASP A 209 3.41 11.25 22.74
CA ASP A 209 4.70 10.57 22.76
C ASP A 209 5.80 11.39 22.09
N LEU A 210 5.46 12.50 21.43
CA LEU A 210 6.46 13.30 20.71
C LEU A 210 7.57 13.78 21.65
N HIS A 211 7.25 14.00 22.93
CA HIS A 211 8.25 14.59 23.83
C HIS A 211 9.45 13.68 24.04
N THR A 212 9.34 12.39 23.72
CA THR A 212 10.42 11.42 23.89
C THR A 212 11.42 11.42 22.74
N LEU A 213 11.15 12.15 21.67
CA LEU A 213 11.84 11.98 20.41
C LEU A 213 12.92 13.03 20.19
N SER A 214 13.94 12.64 19.43
CA SER A 214 14.91 13.57 18.90
C SER A 214 14.27 14.49 17.86
N GLU A 215 15.01 15.53 17.49
CA GLU A 215 14.56 16.44 16.44
C GLU A 215 14.25 15.71 15.15
N ASP A 216 15.11 14.77 14.75
CA ASP A 216 14.92 14.10 13.47
C ASP A 216 13.75 13.13 13.52
N SER A 217 13.60 12.40 14.63
CA SER A 217 12.45 11.52 14.78
C SER A 217 11.17 12.31 14.86
N TYR A 218 11.19 13.43 15.57
CA TYR A 218 10.03 14.31 15.65
C TYR A 218 9.55 14.73 14.26
N LYS A 219 10.48 15.09 13.38
CA LYS A 219 10.09 15.51 12.04
C LYS A 219 9.43 14.36 11.27
N ASP A 220 9.98 13.15 11.40
CA ASP A 220 9.40 12.00 10.72
C ASP A 220 7.99 11.72 11.20
N SER A 221 7.80 11.68 12.52
CA SER A 221 6.49 11.35 13.06
C SER A 221 5.46 12.43 12.76
N THR A 222 5.84 13.70 12.92
CA THR A 222 4.85 14.75 12.69
C THR A 222 4.45 14.84 11.23
N LEU A 223 5.34 14.45 10.32
CA LEU A 223 4.96 14.41 8.90
C LEU A 223 3.77 13.49 8.68
N ILE A 224 3.82 12.28 9.25
CA ILE A 224 2.72 11.36 9.02
C ILE A 224 1.51 11.76 9.86
N MET A 225 1.73 12.34 11.05
CA MET A 225 0.61 12.84 11.83
C MET A 225 -0.18 13.88 11.04
N GLN A 226 0.51 14.70 10.24
CA GLN A 226 -0.20 15.71 9.45
C GLN A 226 -1.07 15.07 8.39
N LEU A 227 -0.66 13.91 7.86
CA LEU A 227 -1.54 13.19 6.94
C LEU A 227 -2.78 12.68 7.64
N LEU A 228 -2.65 12.16 8.86
CA LEU A 228 -3.84 11.80 9.64
C LEU A 228 -4.77 12.99 9.81
N ARG A 229 -4.20 14.14 10.16
CA ARG A 229 -5.01 15.35 10.31
C ARG A 229 -5.67 15.76 9.00
N ASP A 230 -4.92 15.65 7.88
CA ASP A 230 -5.50 16.00 6.59
C ASP A 230 -6.71 15.15 6.28
N ASN A 231 -6.62 13.85 6.55
CA ASN A 231 -7.76 12.98 6.32
C ASN A 231 -8.93 13.33 7.24
N LEU A 232 -8.65 13.61 8.51
CA LEU A 232 -9.71 13.99 9.44
C LEU A 232 -10.42 15.25 8.97
N THR A 233 -9.65 16.22 8.47
CA THR A 233 -10.25 17.45 7.96
C THR A 233 -11.07 17.18 6.71
N LEU A 234 -10.61 16.27 5.86
CA LEU A 234 -11.40 15.85 4.71
C LEU A 234 -12.72 15.24 5.11
N TRP A 235 -12.76 14.54 6.25
CA TRP A 235 -13.87 13.68 6.61
C TRP A 235 -14.82 14.31 7.62
N THR A 236 -14.50 15.50 8.13
CA THR A 236 -15.31 16.14 9.16
C THR A 236 -15.62 17.59 8.81
N PHE B 4 -8.89 12.15 -3.26
CA PHE B 4 -8.68 10.92 -2.50
C PHE B 4 -7.95 11.19 -1.19
N PRO B 5 -8.18 10.35 -0.19
CA PRO B 5 -7.49 10.51 1.09
C PRO B 5 -6.04 10.05 1.00
N ALA B 6 -5.25 10.53 1.96
CA ALA B 6 -3.83 10.27 1.97
C ALA B 6 -3.53 8.87 2.49
N TPO B 7 -2.66 8.15 1.76
CA TPO B 7 -2.09 6.88 2.21
CB TPO B 7 -2.72 5.67 1.49
CG2 TPO B 7 -4.19 5.52 1.89
OG1 TPO B 7 -2.61 5.99 0.10
P TPO B 7 -2.91 4.79 -0.95
O1P TPO B 7 -2.17 5.31 -2.27
O2P TPO B 7 -4.37 4.72 -1.17
O3P TPO B 7 -2.31 3.41 -0.43
C TPO B 7 -0.59 6.93 1.97
O TPO B 7 -0.11 7.75 1.17
N VAL B 8 0.17 6.07 2.67
CA VAL B 8 1.61 6.01 2.48
C VAL B 8 2.08 4.59 2.26
MG MG C . -10.00 0.91 18.88
MG MG D . 25.65 -13.89 -5.17
MG MG E . -11.93 -7.79 -14.50
C13 G8Q F . 4.93 2.45 5.29
C14 G8Q F . 4.73 3.07 6.52
C15 G8Q F . 5.38 4.25 6.81
C22 G8Q F . 9.93 10.53 5.87
C01 G8Q F . 5.51 7.42 4.79
C03 G8Q F . 6.91 6.12 6.28
C04 G8Q F . 8.37 5.78 6.60
C07 G8Q F . 10.19 4.65 5.43
C08 G8Q F . 9.59 3.29 5.13
C10 G8Q F . 6.23 4.85 5.89
C11 G8Q F . 6.44 4.23 4.65
C12 G8Q F . 5.79 3.03 4.35
C16 G8Q F . 7.30 8.50 5.86
C19 G8Q F . 9.26 9.57 6.86
C20 G8Q F . 10.31 8.92 7.75
C21 G8Q F . 8.22 10.31 7.70
N02 G8Q F . 6.88 7.21 5.28
N06 G8Q F . 9.10 5.62 5.31
O05 G8Q F . 8.47 4.67 7.51
O17 G8Q F . 6.97 9.54 4.93
O18 G8Q F . 8.70 8.51 6.11
S09 G8Q F . 9.93 2.87 3.41
#